data_8JFV
#
_entry.id   8JFV
#
_cell.length_a   43.043
_cell.length_b   109.241
_cell.length_c   122.957
_cell.angle_alpha   90.00
_cell.angle_beta   90.00
_cell.angle_gamma   90.00
#
_symmetry.space_group_name_H-M   'P 2 21 21'
#
loop_
_entity.id
_entity.type
_entity.pdbx_description
1 polymer 'Catabolite repressor/activator'
2 non-polymer Sulisobenzone
3 non-polymer 'PHOSPHATE ION'
4 non-polymer '4-(2-HYDROXYETHYL)-1-PIPERAZINE ETHANESULFONIC ACID'
5 non-polymer 1,2-ETHANEDIOL
6 water water
#
_entity_poly.entity_id   1
_entity_poly.type   'polypeptide(L)'
_entity_poly.pdbx_seq_one_letter_code
;MKLDEIARLAGVSRTTASYVINGKAKQYRVSDKTVEKVMAVVREHNYHPNAVAAGLRAGRTRSIGLVIPDLENTSYTRIA
NYLERQARQRGYQLLIACSEDQPDNEMRCIEHLLQRQVDAIIVSTSLPPEHPFYQRWANDPFPIVALDRALDREHFTSVV
GADQDDAEMLAEELRKFPAETVLYLGALPELSVSFLREQGFRTAWKDDPREVHFLYANSYEREAAAQLFEKWLETHPMPQ
ALFTTSFALLQGVMDVTLRRDGKLPSDLAIATFGDNELLDFLQCPVLAVAQRHRDVAERVLEIVLASLDEPRKPKPGLTR
IKRNLYRRGVLSRS
;
_entity_poly.pdbx_strand_id   A,B
#
loop_
_chem_comp.id
_chem_comp.type
_chem_comp.name
_chem_comp.formula
EDO non-polymer 1,2-ETHANEDIOL 'C2 H6 O2'
EPE non-polymer '4-(2-HYDROXYETHYL)-1-PIPERAZINE ETHANESULFONIC ACID' 'C8 H18 N2 O4 S'
I4Y non-polymer Sulisobenzone 'C14 H12 O6 S'
PO4 non-polymer 'PHOSPHATE ION' 'O4 P -3'
#
# COMPACT_ATOMS: atom_id res chain seq x y z
N ARG A 60 22.52 25.49 6.06
CA ARG A 60 21.36 24.69 5.57
C ARG A 60 21.87 23.30 5.15
N THR A 61 21.03 22.27 5.38
CA THR A 61 21.37 20.90 5.08
C THR A 61 20.58 20.37 3.90
N ARG A 62 19.42 21.00 3.60
CA ARG A 62 18.51 20.58 2.56
C ARG A 62 17.95 19.20 2.89
N SER A 63 17.46 19.05 4.13
CA SER A 63 16.77 17.83 4.55
C SER A 63 15.52 18.23 5.34
N ILE A 64 14.50 17.38 5.27
CA ILE A 64 13.22 17.62 5.93
C ILE A 64 12.79 16.33 6.62
N GLY A 65 12.50 16.43 7.92
CA GLY A 65 12.02 15.29 8.69
C GLY A 65 10.57 14.97 8.36
N LEU A 66 10.19 13.71 8.55
CA LEU A 66 8.80 13.27 8.43
C LEU A 66 8.53 12.20 9.49
N VAL A 67 7.65 12.54 10.44
CA VAL A 67 7.25 11.62 11.49
C VAL A 67 5.80 11.21 11.24
N ILE A 68 5.61 9.91 10.98
CA ILE A 68 4.30 9.35 10.71
C ILE A 68 4.07 8.21 11.69
N PRO A 69 2.81 7.76 11.90
CA PRO A 69 2.55 6.52 12.64
C PRO A 69 3.31 5.30 12.11
N ASP A 70 3.07 4.94 10.85
CA ASP A 70 3.66 3.73 10.29
C ASP A 70 3.66 3.82 8.77
N LEU A 71 4.41 2.90 8.13
CA LEU A 71 4.47 2.79 6.69
C LEU A 71 3.70 1.56 6.22
N GLU A 72 2.61 1.22 6.93
CA GLU A 72 1.76 0.11 6.55
C GLU A 72 0.36 0.62 6.19
N ASN A 73 -0.06 1.73 6.81
CA ASN A 73 -1.26 2.44 6.42
C ASN A 73 -1.06 3.03 5.02
N THR A 74 -2.03 2.75 4.13
CA THR A 74 -1.90 3.09 2.72
C THR A 74 -1.94 4.60 2.51
N SER A 75 -2.72 5.31 3.35
CA SER A 75 -2.80 6.76 3.27
C SER A 75 -1.40 7.37 3.40
N TYR A 76 -0.74 7.09 4.54
CA TYR A 76 0.52 7.71 4.89
C TYR A 76 1.61 7.36 3.88
N THR A 77 1.65 6.11 3.43
CA THR A 77 2.70 5.65 2.53
C THR A 77 2.60 6.37 1.19
N ARG A 78 1.37 6.60 0.71
CA ARG A 78 1.18 7.21 -0.59
C ARG A 78 1.43 8.72 -0.47
N ILE A 79 1.12 9.30 0.70
CA ILE A 79 1.47 10.67 1.00
C ILE A 79 3.00 10.80 1.03
N ALA A 80 3.65 9.80 1.63
CA ALA A 80 5.11 9.78 1.77
C ALA A 80 5.78 9.67 0.39
N ASN A 81 5.27 8.77 -0.44
CA ASN A 81 5.81 8.56 -1.78
C ASN A 81 5.91 9.89 -2.52
N TYR A 82 4.80 10.64 -2.55
CA TYR A 82 4.73 11.87 -3.30
C TYR A 82 5.58 12.94 -2.61
N LEU A 83 5.62 12.93 -1.28
CA LEU A 83 6.43 13.88 -0.52
C LEU A 83 7.91 13.72 -0.88
N GLU A 84 8.34 12.48 -1.12
CA GLU A 84 9.72 12.19 -1.47
C GLU A 84 10.02 12.82 -2.84
N ARG A 85 9.15 12.55 -3.82
CA ARG A 85 9.31 13.08 -5.16
C ARG A 85 9.33 14.60 -5.13
N GLN A 86 8.26 15.20 -4.58
CA GLN A 86 8.13 16.65 -4.52
C GLN A 86 9.39 17.24 -3.91
N ALA A 87 9.89 16.60 -2.84
CA ALA A 87 11.06 17.08 -2.11
C ALA A 87 12.33 16.90 -2.94
N ARG A 88 12.42 15.76 -3.64
CA ARG A 88 13.59 15.44 -4.46
C ARG A 88 13.69 16.42 -5.62
N GLN A 89 12.54 16.79 -6.19
CA GLN A 89 12.47 17.73 -7.30
C GLN A 89 12.98 19.10 -6.85
N ARG A 90 12.62 19.50 -5.61
CA ARG A 90 12.94 20.81 -5.08
C ARG A 90 14.36 20.86 -4.54
N GLY A 91 15.01 19.69 -4.40
CA GLY A 91 16.39 19.62 -3.97
C GLY A 91 16.52 19.43 -2.45
N TYR A 92 15.71 18.51 -1.92
CA TYR A 92 15.76 18.18 -0.50
C TYR A 92 15.58 16.67 -0.35
N GLN A 93 16.36 16.07 0.57
CA GLN A 93 16.19 14.68 0.96
C GLN A 93 15.11 14.59 2.05
N LEU A 94 14.45 13.44 2.13
CA LEU A 94 13.39 13.22 3.09
C LEU A 94 13.80 12.10 4.05
N LEU A 95 13.93 12.46 5.34
CA LEU A 95 14.21 11.50 6.40
C LEU A 95 12.90 11.10 7.07
N ILE A 96 12.65 9.78 7.13
CA ILE A 96 11.38 9.25 7.61
C ILE A 96 11.61 8.57 8.96
N ALA A 97 10.70 8.81 9.90
CA ALA A 97 10.76 8.23 11.23
C ALA A 97 9.34 7.91 11.70
N CYS A 98 9.06 6.63 11.94
CA CYS A 98 7.73 6.20 12.36
C CYS A 98 7.65 6.21 13.89
N SER A 99 6.56 6.79 14.40
CA SER A 99 6.31 6.87 15.84
C SER A 99 5.68 5.57 16.35
N GLU A 100 5.11 4.78 15.42
CA GLU A 100 4.26 3.64 15.75
C GLU A 100 3.03 4.13 16.52
N ASP A 101 2.74 5.43 16.35
CA ASP A 101 1.57 6.08 16.94
C ASP A 101 1.66 6.11 18.46
N GLN A 102 2.85 5.81 19.01
CA GLN A 102 3.08 5.92 20.45
C GLN A 102 3.57 7.33 20.75
N PRO A 103 2.89 8.08 21.67
CA PRO A 103 3.31 9.45 21.99
C PRO A 103 4.75 9.59 22.43
N ASP A 104 5.23 8.60 23.19
CA ASP A 104 6.58 8.61 23.74
C ASP A 104 7.61 8.46 22.62
N ASN A 105 7.31 7.58 21.65
CA ASN A 105 8.21 7.36 20.53
C ASN A 105 8.29 8.61 19.66
N GLU A 106 7.14 9.27 19.46
CA GLU A 106 7.07 10.46 18.63
C GLU A 106 8.05 11.51 19.12
N MET A 107 8.12 11.68 20.45
CA MET A 107 8.99 12.68 21.06
C MET A 107 10.45 12.36 20.75
N ARG A 108 10.83 11.08 20.87
CA ARG A 108 12.19 10.65 20.61
C ARG A 108 12.55 10.85 19.14
N CYS A 109 11.56 10.66 18.25
CA CYS A 109 11.77 10.84 16.82
C CYS A 109 12.13 12.29 16.50
N ILE A 110 11.41 13.23 17.13
CA ILE A 110 11.59 14.65 16.88
C ILE A 110 12.98 15.06 17.35
N GLU A 111 13.46 14.46 18.45
CA GLU A 111 14.77 14.76 18.99
C GLU A 111 15.86 14.32 18.01
N HIS A 112 15.77 13.07 17.56
CA HIS A 112 16.73 12.51 16.63
C HIS A 112 16.80 13.35 15.36
N LEU A 113 15.62 13.72 14.84
CA LEU A 113 15.52 14.46 13.59
C LEU A 113 16.15 15.85 13.72
N LEU A 114 16.15 16.41 14.93
CA LEU A 114 16.72 17.73 15.17
C LEU A 114 18.24 17.64 15.28
N GLN A 115 18.77 16.47 15.67
CA GLN A 115 20.21 16.25 15.73
C GLN A 115 20.76 16.01 14.32
N ARG A 116 19.90 15.55 13.40
CA ARG A 116 20.24 15.40 12.00
C ARG A 116 20.26 16.79 11.35
N GLN A 117 19.66 17.77 12.04
CA GLN A 117 19.71 19.18 11.68
C GLN A 117 18.98 19.39 10.36
N VAL A 118 17.73 18.92 10.31
CA VAL A 118 16.85 19.17 9.18
C VAL A 118 16.42 20.64 9.21
N ASP A 119 16.00 21.13 8.05
CA ASP A 119 15.54 22.51 7.90
C ASP A 119 14.13 22.63 8.45
N ALA A 120 13.39 21.52 8.46
CA ALA A 120 12.00 21.50 8.89
C ALA A 120 11.60 20.08 9.24
N ILE A 121 10.46 19.95 9.93
CA ILE A 121 9.89 18.65 10.25
C ILE A 121 8.40 18.68 9.91
N ILE A 122 7.94 17.62 9.24
CA ILE A 122 6.52 17.35 9.08
C ILE A 122 6.15 16.29 10.11
N VAL A 123 4.92 16.37 10.64
CA VAL A 123 4.49 15.42 11.66
C VAL A 123 2.98 15.23 11.59
N SER A 124 2.55 13.97 11.63
CA SER A 124 1.19 13.61 12.00
C SER A 124 1.20 13.18 13.46
N THR A 125 0.75 14.09 14.33
CA THR A 125 1.04 13.99 15.76
C THR A 125 0.01 13.12 16.45
N SER A 126 0.48 12.34 17.43
CA SER A 126 -0.36 11.49 18.26
C SER A 126 -0.73 12.19 19.56
N LEU A 127 -0.23 13.41 19.76
CA LEU A 127 -0.58 14.24 20.91
C LEU A 127 -1.81 15.06 20.58
N PRO A 128 -2.58 15.54 21.58
CA PRO A 128 -3.68 16.49 21.33
C PRO A 128 -3.11 17.83 20.88
N PRO A 129 -3.87 18.65 20.12
CA PRO A 129 -3.47 20.02 19.86
C PRO A 129 -3.19 20.74 21.17
N GLU A 130 -2.26 21.70 21.14
CA GLU A 130 -1.96 22.57 22.27
C GLU A 130 -1.01 21.88 23.26
N HIS A 131 -0.77 20.57 23.09
CA HIS A 131 0.00 19.79 24.06
C HIS A 131 1.33 20.49 24.34
N PRO A 132 1.78 20.55 25.61
CA PRO A 132 2.95 21.34 26.00
C PRO A 132 4.30 21.01 25.34
N PHE A 133 4.51 19.74 24.98
CA PHE A 133 5.75 19.32 24.34
C PHE A 133 6.06 20.20 23.14
N TYR A 134 5.03 20.50 22.33
CA TYR A 134 5.19 21.24 21.09
C TYR A 134 5.09 22.75 21.32
N GLN A 135 5.19 23.19 22.59
CA GLN A 135 5.23 24.61 22.88
C GLN A 135 6.68 25.09 22.98
N ARG A 136 7.63 24.15 22.87
CA ARG A 136 9.04 24.47 22.84
C ARG A 136 9.38 25.25 21.58
N TRP A 137 8.66 24.99 20.48
CA TRP A 137 8.86 25.69 19.23
C TRP A 137 7.59 26.44 18.85
N ALA A 138 6.76 26.79 19.85
CA ALA A 138 5.50 27.46 19.60
C ALA A 138 5.74 28.72 18.77
N ASN A 139 6.61 29.60 19.27
CA ASN A 139 6.93 30.84 18.60
C ASN A 139 8.42 30.86 18.28
N ASP A 140 8.81 30.05 17.29
CA ASP A 140 10.19 29.95 16.85
C ASP A 140 10.22 30.01 15.32
N PRO A 141 11.20 30.73 14.71
CA PRO A 141 11.32 30.75 13.25
C PRO A 141 11.39 29.36 12.60
N PHE A 142 11.99 28.39 13.30
CA PHE A 142 12.07 27.02 12.82
C PHE A 142 10.65 26.52 12.50
N PRO A 143 10.39 26.05 11.26
CA PRO A 143 9.05 25.63 10.86
C PRO A 143 8.78 24.15 11.11
N ILE A 144 7.60 23.87 11.69
CA ILE A 144 7.08 22.52 11.83
C ILE A 144 5.66 22.50 11.29
N VAL A 145 5.43 21.70 10.25
CA VAL A 145 4.15 21.68 9.54
C VAL A 145 3.45 20.37 9.88
N ALA A 146 2.27 20.48 10.51
CA ALA A 146 1.49 19.32 10.93
C ALA A 146 0.73 18.75 9.73
N LEU A 147 0.61 17.42 9.69
CA LEU A 147 -0.07 16.71 8.62
C LEU A 147 -1.18 15.84 9.20
N ASP A 148 -2.38 15.96 8.63
CA ASP A 148 -3.48 15.03 8.88
C ASP A 148 -4.14 15.33 10.23
N ARG A 149 -3.33 15.36 11.30
CA ARG A 149 -3.82 15.61 12.64
C ARG A 149 -3.20 16.90 13.18
N ALA A 150 -4.07 17.83 13.59
CA ALA A 150 -3.71 19.24 13.75
C ALA A 150 -2.85 19.46 14.99
N LEU A 151 -1.96 20.45 14.90
CA LEU A 151 -1.21 20.97 16.02
C LEU A 151 -1.81 22.29 16.48
N ASP A 152 -1.24 22.86 17.53
CA ASP A 152 -1.68 24.14 18.09
C ASP A 152 -2.00 25.10 16.94
N ARG A 153 -3.28 25.46 16.83
CA ARG A 153 -3.79 26.26 15.71
C ARG A 153 -3.25 27.69 15.82
N GLU A 154 -2.85 28.09 17.03
CA GLU A 154 -2.36 29.44 17.27
C GLU A 154 -1.03 29.65 16.55
N HIS A 155 -0.10 28.70 16.69
CA HIS A 155 1.29 28.92 16.31
C HIS A 155 1.83 27.80 15.41
N PHE A 156 0.94 27.08 14.72
CA PHE A 156 1.39 26.04 13.79
C PHE A 156 0.43 25.92 12.61
N THR A 157 0.99 25.65 11.42
CA THR A 157 0.20 25.47 10.23
C THR A 157 -0.08 23.97 10.04
N SER A 158 -1.33 23.65 9.74
CA SER A 158 -1.81 22.27 9.69
C SER A 158 -2.50 22.01 8.35
N VAL A 159 -1.95 21.06 7.59
CA VAL A 159 -2.62 20.55 6.40
C VAL A 159 -3.47 19.37 6.82
N VAL A 160 -4.78 19.49 6.59
CA VAL A 160 -5.77 18.66 7.25
C VAL A 160 -6.93 18.41 6.30
N GLY A 161 -7.67 17.32 6.50
CA GLY A 161 -8.82 16.99 5.69
C GLY A 161 -10.10 17.68 6.18
N ALA A 162 -11.03 17.89 5.26
CA ALA A 162 -12.33 18.46 5.58
C ALA A 162 -13.33 17.34 5.79
N ASP A 163 -13.24 16.65 6.94
CA ASP A 163 -14.00 15.43 7.17
C ASP A 163 -15.50 15.74 7.21
N GLN A 164 -15.89 16.96 7.60
CA GLN A 164 -17.29 17.33 7.61
C GLN A 164 -17.78 17.51 6.18
N ASP A 165 -17.01 18.27 5.38
CA ASP A 165 -17.37 18.57 4.00
C ASP A 165 -17.46 17.28 3.19
N ASP A 166 -16.48 16.39 3.37
CA ASP A 166 -16.39 15.15 2.63
C ASP A 166 -17.59 14.26 2.93
N ALA A 167 -17.94 14.16 4.22
CA ALA A 167 -19.00 13.29 4.69
C ALA A 167 -20.35 13.71 4.11
N GLU A 168 -20.64 15.02 4.21
CA GLU A 168 -21.88 15.57 3.68
C GLU A 168 -21.99 15.25 2.19
N MET A 169 -20.94 15.59 1.44
CA MET A 169 -20.93 15.43 0.00
C MET A 169 -21.19 13.96 -0.35
N LEU A 170 -20.49 13.06 0.35
CA LEU A 170 -20.63 11.63 0.13
C LEU A 170 -22.04 11.18 0.47
N ALA A 171 -22.59 11.71 1.57
CA ALA A 171 -23.92 11.35 2.03
C ALA A 171 -24.97 11.81 1.01
N GLU A 172 -24.79 13.02 0.48
CA GLU A 172 -25.73 13.61 -0.47
C GLU A 172 -25.83 12.73 -1.71
N GLU A 173 -24.70 12.12 -2.09
CA GLU A 173 -24.65 11.21 -3.23
C GLU A 173 -25.41 9.92 -2.92
N LEU A 174 -25.36 9.47 -1.66
CA LEU A 174 -26.00 8.23 -1.25
C LEU A 174 -27.52 8.40 -1.19
N ARG A 175 -28.00 9.65 -1.12
CA ARG A 175 -29.43 9.93 -0.97
C ARG A 175 -30.20 9.68 -2.28
N LYS A 176 -29.49 9.64 -3.40
CA LYS A 176 -30.14 9.60 -4.71
C LYS A 176 -30.49 8.16 -5.09
N PHE A 177 -30.11 7.19 -4.27
CA PHE A 177 -30.48 5.80 -4.49
C PHE A 177 -31.77 5.50 -3.74
N PRO A 178 -32.69 4.66 -4.30
CA PRO A 178 -34.03 4.51 -3.75
C PRO A 178 -34.10 3.48 -2.62
N ALA A 179 -33.37 3.77 -1.54
CA ALA A 179 -33.19 2.82 -0.45
C ALA A 179 -34.02 3.26 0.75
N GLU A 180 -34.86 2.34 1.27
CA GLU A 180 -35.72 2.63 2.41
C GLU A 180 -34.90 2.63 3.69
N THR A 181 -34.39 1.45 4.07
CA THR A 181 -33.57 1.29 5.26
C THR A 181 -32.17 1.82 4.99
N VAL A 182 -31.70 2.70 5.89
CA VAL A 182 -30.40 3.36 5.74
C VAL A 182 -29.64 3.23 7.05
N LEU A 183 -28.54 2.47 7.03
CA LEU A 183 -27.74 2.20 8.21
C LEU A 183 -26.44 3.01 8.15
N TYR A 184 -26.26 3.88 9.14
CA TYR A 184 -24.99 4.55 9.37
C TYR A 184 -24.21 3.76 10.41
N LEU A 185 -23.06 3.20 9.99
CA LEU A 185 -22.17 2.50 10.91
C LEU A 185 -20.91 3.34 11.08
N GLY A 186 -20.61 3.71 12.33
CA GLY A 186 -19.42 4.46 12.66
C GLY A 186 -18.66 3.82 13.83
N ALA A 187 -17.80 4.60 14.47
CA ALA A 187 -17.06 4.13 15.63
C ALA A 187 -16.56 5.32 16.46
N LEU A 188 -16.57 5.14 17.79
CA LEU A 188 -16.09 6.14 18.74
C LEU A 188 -16.71 7.50 18.43
N PRO A 189 -18.03 7.68 18.65
CA PRO A 189 -18.74 8.87 18.17
C PRO A 189 -18.21 10.20 18.71
N GLU A 190 -17.63 10.16 19.92
CA GLU A 190 -17.26 11.35 20.66
C GLU A 190 -15.91 11.90 20.17
N LEU A 191 -15.17 11.13 19.38
CA LEU A 191 -13.91 11.60 18.80
C LEU A 191 -14.20 12.75 17.83
N SER A 192 -13.24 13.66 17.71
CA SER A 192 -13.36 14.83 16.86
C SER A 192 -13.70 14.43 15.43
N VAL A 193 -13.03 13.38 14.94
CA VAL A 193 -13.16 12.94 13.57
C VAL A 193 -14.53 12.30 13.37
N SER A 194 -14.89 11.36 14.25
CA SER A 194 -16.16 10.65 14.19
C SER A 194 -17.32 11.64 14.18
N PHE A 195 -17.19 12.70 14.99
CA PHE A 195 -18.21 13.71 15.18
C PHE A 195 -18.47 14.45 13.87
N LEU A 196 -17.41 15.04 13.31
CA LEU A 196 -17.50 15.87 12.12
C LEU A 196 -18.16 15.11 10.98
N ARG A 197 -17.84 13.82 10.84
CA ARG A 197 -18.38 12.99 9.76
C ARG A 197 -19.87 12.76 9.96
N GLU A 198 -20.30 12.54 11.21
CA GLU A 198 -21.72 12.39 11.50
C GLU A 198 -22.43 13.73 11.31
N GLN A 199 -21.74 14.82 11.62
CA GLN A 199 -22.29 16.16 11.49
C GLN A 199 -22.64 16.42 10.03
N GLY A 200 -21.70 16.11 9.14
CA GLY A 200 -21.88 16.28 7.71
C GLY A 200 -23.01 15.41 7.16
N PHE A 201 -23.12 14.18 7.70
CA PHE A 201 -24.12 13.22 7.24
C PHE A 201 -25.54 13.74 7.51
N ARG A 202 -25.72 14.45 8.63
CA ARG A 202 -27.02 14.94 9.05
C ARG A 202 -27.37 16.23 8.29
N THR A 203 -26.35 16.98 7.86
CA THR A 203 -26.54 18.18 7.08
C THR A 203 -27.24 17.86 5.76
N ALA A 204 -27.02 16.65 5.24
CA ALA A 204 -27.64 16.20 4.01
C ALA A 204 -29.00 15.57 4.28
N TRP A 205 -29.04 14.59 5.20
CA TRP A 205 -30.26 13.86 5.51
C TRP A 205 -31.11 14.61 6.53
N LYS A 206 -31.05 15.96 6.48
CA LYS A 206 -31.75 16.81 7.42
C LYS A 206 -33.26 16.71 7.21
N ASP A 207 -33.70 16.79 5.96
CA ASP A 207 -35.13 16.85 5.63
C ASP A 207 -35.51 15.63 4.79
N ASP A 208 -34.69 14.58 4.81
CA ASP A 208 -35.03 13.33 4.17
C ASP A 208 -36.02 12.59 5.08
N PRO A 209 -37.19 12.16 4.56
CA PRO A 209 -38.22 11.54 5.41
C PRO A 209 -37.89 10.13 5.91
N ARG A 210 -36.93 9.46 5.26
CA ARG A 210 -36.56 8.09 5.60
C ARG A 210 -35.90 8.06 6.97
N GLU A 211 -35.95 6.89 7.61
CA GLU A 211 -35.31 6.69 8.91
C GLU A 211 -33.89 6.17 8.71
N VAL A 212 -32.95 6.76 9.45
CA VAL A 212 -31.56 6.33 9.43
C VAL A 212 -31.23 5.72 10.78
N HIS A 213 -30.72 4.48 10.76
CA HIS A 213 -30.26 3.81 11.97
C HIS A 213 -28.77 4.07 12.14
N PHE A 214 -28.38 4.64 13.29
CA PHE A 214 -26.99 4.95 13.56
C PHE A 214 -26.40 3.91 14.52
N LEU A 215 -25.55 3.05 13.98
CA LEU A 215 -24.84 2.06 14.77
C LEU A 215 -23.40 2.53 14.98
N TYR A 216 -22.88 2.36 16.20
CA TYR A 216 -21.56 2.85 16.57
C TYR A 216 -20.77 1.72 17.25
N ALA A 217 -19.53 1.49 16.77
CA ALA A 217 -18.69 0.43 17.27
C ALA A 217 -17.64 1.00 18.24
N ASN A 218 -17.02 0.10 19.01
CA ASN A 218 -16.09 0.47 20.07
C ASN A 218 -14.71 0.80 19.49
N SER A 219 -14.46 0.39 18.25
CA SER A 219 -13.17 0.58 17.59
C SER A 219 -13.35 0.64 16.08
N TYR A 220 -12.48 1.41 15.41
CA TYR A 220 -12.43 1.46 13.96
C TYR A 220 -11.73 0.21 13.45
N GLU A 221 -12.40 -0.95 13.60
CA GLU A 221 -11.82 -2.24 13.26
C GLU A 221 -12.87 -3.15 12.66
N ARG A 222 -12.41 -4.17 11.93
CA ARG A 222 -13.26 -5.05 11.16
C ARG A 222 -14.07 -5.96 12.09
N GLU A 223 -13.36 -6.67 12.97
CA GLU A 223 -13.96 -7.71 13.81
C GLU A 223 -15.08 -7.11 14.64
N ALA A 224 -14.86 -5.89 15.15
CA ALA A 224 -15.83 -5.18 15.96
C ALA A 224 -17.12 -4.95 15.17
N ALA A 225 -16.96 -4.49 13.93
CA ALA A 225 -18.10 -4.17 13.07
C ALA A 225 -18.89 -5.43 12.73
N ALA A 226 -18.20 -6.57 12.63
CA ALA A 226 -18.83 -7.82 12.23
C ALA A 226 -19.80 -8.29 13.32
N GLN A 227 -19.32 -8.30 14.57
CA GLN A 227 -20.12 -8.76 15.70
C GLN A 227 -21.33 -7.85 15.90
N LEU A 228 -21.11 -6.54 15.81
CA LEU A 228 -22.13 -5.55 16.10
C LEU A 228 -23.23 -5.60 15.05
N PHE A 229 -22.84 -5.82 13.78
CA PHE A 229 -23.79 -5.83 12.68
C PHE A 229 -24.67 -7.07 12.74
N GLU A 230 -24.09 -8.23 13.11
CA GLU A 230 -24.83 -9.48 13.10
C GLU A 230 -25.77 -9.57 14.30
N LYS A 231 -25.42 -8.86 15.39
CA LYS A 231 -26.32 -8.74 16.53
C LYS A 231 -27.41 -7.69 16.23
N TRP A 232 -27.12 -6.78 15.30
CA TRP A 232 -28.07 -5.73 14.93
C TRP A 232 -29.13 -6.30 13.98
N LEU A 233 -28.71 -7.18 13.06
CA LEU A 233 -29.62 -7.79 12.10
C LEU A 233 -30.67 -8.66 12.82
N GLU A 234 -30.30 -9.21 13.98
CA GLU A 234 -31.20 -10.04 14.77
C GLU A 234 -32.56 -9.34 14.92
N THR A 235 -32.52 -8.04 15.21
CA THR A 235 -33.72 -7.28 15.53
C THR A 235 -34.05 -6.25 14.44
N HIS A 236 -33.20 -6.15 13.41
CA HIS A 236 -33.36 -5.13 12.39
C HIS A 236 -33.36 -5.77 10.99
N PRO A 237 -34.09 -5.18 10.01
CA PRO A 237 -34.09 -5.68 8.64
C PRO A 237 -32.82 -5.26 7.89
N MET A 238 -32.47 -6.03 6.84
CA MET A 238 -31.22 -5.85 6.13
C MET A 238 -31.25 -4.50 5.40
N PRO A 239 -30.26 -3.61 5.63
CA PRO A 239 -30.26 -2.28 5.04
C PRO A 239 -30.19 -2.31 3.52
N GLN A 240 -30.82 -1.32 2.88
CA GLN A 240 -30.74 -1.12 1.44
C GLN A 240 -29.72 -0.02 1.13
N ALA A 241 -29.22 0.66 2.17
CA ALA A 241 -28.19 1.67 2.00
C ALA A 241 -27.27 1.66 3.22
N LEU A 242 -25.97 1.77 2.97
CA LEU A 242 -24.95 1.72 4.02
C LEU A 242 -24.05 2.96 3.92
N PHE A 243 -23.66 3.48 5.08
CA PHE A 243 -22.68 4.55 5.16
C PHE A 243 -21.68 4.19 6.27
N THR A 244 -20.41 4.00 5.87
CA THR A 244 -19.35 3.62 6.79
C THR A 244 -18.28 4.73 6.82
N THR A 245 -17.69 4.93 8.00
CA THR A 245 -16.72 5.99 8.21
C THR A 245 -15.29 5.46 8.07
N SER A 246 -15.14 4.19 7.69
CA SER A 246 -13.83 3.63 7.37
C SER A 246 -13.99 2.35 6.58
N PHE A 247 -12.97 2.05 5.76
CA PHE A 247 -12.93 0.84 4.97
C PHE A 247 -13.01 -0.38 5.88
N ALA A 248 -12.37 -0.30 7.06
CA ALA A 248 -12.33 -1.41 7.99
C ALA A 248 -13.74 -1.80 8.42
N LEU A 249 -14.59 -0.80 8.70
CA LEU A 249 -15.96 -1.05 9.13
C LEU A 249 -16.72 -1.73 7.99
N LEU A 250 -16.54 -1.21 6.77
CA LEU A 250 -17.13 -1.81 5.58
C LEU A 250 -16.74 -3.28 5.51
N GLN A 251 -15.44 -3.58 5.63
CA GLN A 251 -14.93 -4.94 5.53
C GLN A 251 -15.71 -5.86 6.46
N GLY A 252 -15.88 -5.43 7.72
CA GLY A 252 -16.59 -6.19 8.73
C GLY A 252 -18.03 -6.49 8.32
N VAL A 253 -18.68 -5.49 7.71
CA VAL A 253 -20.03 -5.64 7.20
C VAL A 253 -20.05 -6.71 6.12
N MET A 254 -19.02 -6.73 5.27
CA MET A 254 -19.00 -7.58 4.09
C MET A 254 -18.76 -9.03 4.48
N ASP A 255 -18.15 -9.25 5.66
CA ASP A 255 -17.94 -10.59 6.16
C ASP A 255 -19.28 -11.23 6.47
N VAL A 256 -20.11 -10.54 7.27
CA VAL A 256 -21.38 -11.09 7.70
C VAL A 256 -22.30 -11.27 6.50
N THR A 257 -22.34 -10.30 5.58
CA THR A 257 -23.16 -10.44 4.38
C THR A 257 -22.82 -11.73 3.65
N LEU A 258 -21.51 -12.03 3.57
CA LEU A 258 -21.02 -13.21 2.89
C LEU A 258 -21.37 -14.47 3.69
N ARG A 259 -21.09 -14.45 5.01
CA ARG A 259 -21.39 -15.57 5.87
C ARG A 259 -22.89 -15.87 5.82
N ARG A 260 -23.71 -14.82 5.71
CA ARG A 260 -25.14 -14.96 5.52
C ARG A 260 -25.42 -15.31 4.07
N ASP A 261 -25.76 -14.29 3.25
CA ASP A 261 -26.29 -14.49 1.91
C ASP A 261 -25.57 -15.64 1.21
N GLY A 262 -24.22 -15.62 1.27
CA GLY A 262 -23.39 -16.58 0.58
C GLY A 262 -22.50 -15.90 -0.46
N LYS A 263 -22.91 -14.69 -0.87
CA LYS A 263 -22.20 -13.89 -1.85
C LYS A 263 -22.24 -12.42 -1.41
N LEU A 264 -21.27 -11.64 -1.88
CA LEU A 264 -21.31 -10.19 -1.74
C LEU A 264 -22.48 -9.63 -2.52
N PRO A 265 -23.20 -8.63 -1.97
CA PRO A 265 -24.51 -8.23 -2.49
C PRO A 265 -24.46 -7.46 -3.80
N SER A 266 -25.65 -7.25 -4.38
CA SER A 266 -25.79 -6.50 -5.62
C SER A 266 -26.74 -5.32 -5.45
N ASP A 267 -27.69 -5.42 -4.51
CA ASP A 267 -28.71 -4.39 -4.33
C ASP A 267 -28.49 -3.68 -3.00
N LEU A 268 -27.26 -3.22 -2.76
CA LEU A 268 -26.92 -2.50 -1.54
C LEU A 268 -26.05 -1.30 -1.89
N ALA A 269 -26.67 -0.12 -1.97
CA ALA A 269 -25.94 1.11 -2.21
C ALA A 269 -24.94 1.34 -1.08
N ILE A 270 -23.67 1.55 -1.44
CA ILE A 270 -22.59 1.61 -0.48
C ILE A 270 -21.81 2.90 -0.67
N ALA A 271 -21.54 3.58 0.45
CA ALA A 271 -20.74 4.79 0.48
C ALA A 271 -19.80 4.70 1.68
N THR A 272 -18.50 4.84 1.43
CA THR A 272 -17.48 4.53 2.44
C THR A 272 -16.44 5.65 2.47
N PHE A 273 -15.76 5.75 3.61
CA PHE A 273 -14.47 6.42 3.69
C PHE A 273 -13.39 5.37 3.45
N GLY A 274 -12.29 5.80 2.83
CA GLY A 274 -11.28 4.87 2.34
C GLY A 274 -11.60 4.43 0.92
N ASP A 275 -10.56 4.00 0.19
CA ASP A 275 -10.72 3.64 -1.20
C ASP A 275 -9.85 2.41 -1.50
N ASN A 276 -10.29 1.63 -2.48
CA ASN A 276 -9.55 0.48 -2.98
C ASN A 276 -10.07 0.17 -4.37
N GLU A 277 -9.17 0.14 -5.37
CA GLU A 277 -9.57 -0.04 -6.75
C GLU A 277 -10.34 -1.35 -6.91
N LEU A 278 -10.12 -2.30 -6.00
CA LEU A 278 -10.73 -3.61 -6.09
C LEU A 278 -12.23 -3.56 -5.77
N LEU A 279 -12.74 -2.39 -5.36
CA LEU A 279 -14.17 -2.19 -5.15
C LEU A 279 -14.91 -2.19 -6.50
N ASP A 280 -14.17 -2.11 -7.61
CA ASP A 280 -14.76 -2.09 -8.93
C ASP A 280 -15.45 -3.42 -9.25
N PHE A 281 -15.03 -4.50 -8.57
CA PHE A 281 -15.46 -5.84 -8.93
C PHE A 281 -16.86 -6.14 -8.36
N LEU A 282 -17.24 -5.44 -7.28
CA LEU A 282 -18.59 -5.52 -6.74
C LEU A 282 -19.61 -5.24 -7.84
N GLN A 283 -20.82 -5.83 -7.70
CA GLN A 283 -21.89 -5.61 -8.66
C GLN A 283 -22.98 -4.73 -8.07
N CYS A 284 -22.72 -4.14 -6.89
CA CYS A 284 -23.62 -3.16 -6.30
C CYS A 284 -23.02 -1.76 -6.46
N PRO A 285 -23.82 -0.68 -6.37
CA PRO A 285 -23.27 0.67 -6.41
C PRO A 285 -22.32 0.92 -5.25
N VAL A 286 -21.20 1.60 -5.52
CA VAL A 286 -20.22 1.90 -4.48
C VAL A 286 -19.74 3.33 -4.65
N LEU A 287 -19.54 4.00 -3.51
CA LEU A 287 -19.06 5.37 -3.46
C LEU A 287 -17.96 5.44 -2.41
N ALA A 288 -16.79 5.96 -2.80
CA ALA A 288 -15.64 5.98 -1.93
C ALA A 288 -14.92 7.33 -2.03
N VAL A 289 -14.46 7.83 -0.88
CA VAL A 289 -13.71 9.07 -0.82
C VAL A 289 -12.28 8.75 -0.40
N ALA A 290 -11.31 9.45 -0.99
CA ALA A 290 -9.91 9.31 -0.61
C ALA A 290 -9.20 10.65 -0.78
N GLN A 291 -8.15 10.85 0.02
CA GLN A 291 -7.40 12.09 0.01
C GLN A 291 -6.80 12.31 -1.38
N ARG A 292 -6.66 13.59 -1.75
CA ARG A 292 -5.92 13.99 -2.93
C ARG A 292 -4.43 13.97 -2.58
N HIS A 293 -3.90 12.75 -2.42
CA HIS A 293 -2.58 12.53 -1.85
C HIS A 293 -1.58 13.50 -2.48
N ARG A 294 -1.57 13.52 -3.81
CA ARG A 294 -0.64 14.33 -4.58
C ARG A 294 -0.85 15.81 -4.26
N ASP A 295 -2.11 16.26 -4.33
CA ASP A 295 -2.46 17.64 -4.02
C ASP A 295 -2.01 17.99 -2.60
N VAL A 296 -2.27 17.08 -1.65
CA VAL A 296 -1.86 17.28 -0.27
C VAL A 296 -0.35 17.46 -0.24
N ALA A 297 0.37 16.43 -0.71
CA ALA A 297 1.82 16.41 -0.69
C ALA A 297 2.40 17.70 -1.25
N GLU A 298 1.81 18.21 -2.35
CA GLU A 298 2.24 19.45 -2.97
C GLU A 298 2.17 20.59 -1.95
N ARG A 299 0.99 20.77 -1.34
CA ARG A 299 0.69 21.94 -0.55
C ARG A 299 1.41 21.90 0.81
N VAL A 300 1.73 20.69 1.28
CA VAL A 300 2.44 20.54 2.55
C VAL A 300 3.83 21.15 2.40
N LEU A 301 4.50 20.83 1.29
CA LEU A 301 5.89 21.19 1.10
C LEU A 301 6.01 22.65 0.68
N GLU A 302 5.00 23.16 -0.04
CA GLU A 302 4.93 24.58 -0.37
C GLU A 302 5.09 25.41 0.90
N ILE A 303 4.34 25.03 1.95
CA ILE A 303 4.38 25.71 3.24
C ILE A 303 5.76 25.53 3.87
N VAL A 304 6.30 24.30 3.81
CA VAL A 304 7.61 24.01 4.36
C VAL A 304 8.62 24.99 3.79
N LEU A 305 8.55 25.18 2.48
CA LEU A 305 9.56 26.03 1.80
C LEU A 305 9.19 27.50 2.02
N ALA A 306 7.95 27.89 1.74
CA ALA A 306 7.55 29.28 2.06
C ALA A 306 8.07 29.61 3.45
N SER A 307 7.72 28.79 4.44
CA SER A 307 8.24 29.01 5.81
C SER A 307 9.72 29.36 5.75
N LEU A 308 10.50 28.58 5.03
CA LEU A 308 11.97 28.80 5.00
C LEU A 308 12.28 29.89 3.99
N ASP A 309 11.99 29.62 2.71
CA ASP A 309 12.31 30.58 1.62
C ASP A 309 11.22 31.65 1.49
N GLU A 310 11.14 32.59 2.43
CA GLU A 310 10.17 33.71 2.42
C GLU A 310 10.18 34.36 3.80
N PRO A 311 10.27 35.69 3.94
CA PRO A 311 10.20 36.30 5.27
C PRO A 311 8.80 36.14 5.86
N ARG A 312 8.73 35.76 7.14
CA ARG A 312 7.48 35.46 7.84
C ARG A 312 7.01 34.06 7.47
N LYS A 313 6.49 33.33 8.46
CA LYS A 313 5.78 32.09 8.24
C LYS A 313 4.35 32.43 7.80
N PRO A 314 3.69 31.60 6.96
CA PRO A 314 2.30 31.84 6.58
C PRO A 314 1.35 31.86 7.78
N LYS A 315 0.13 32.36 7.54
CA LYS A 315 -0.87 32.49 8.59
C LYS A 315 -1.04 31.14 9.28
N PRO A 316 -0.66 31.02 10.58
CA PRO A 316 -0.81 29.76 11.30
C PRO A 316 -2.26 29.27 11.34
N GLY A 317 -2.42 27.96 11.54
CA GLY A 317 -3.74 27.36 11.68
C GLY A 317 -4.00 26.32 10.60
N LEU A 318 -5.29 26.17 10.24
CA LEU A 318 -5.76 25.05 9.45
C LEU A 318 -6.02 25.47 8.02
N THR A 319 -5.65 24.59 7.07
CA THR A 319 -6.14 24.64 5.71
C THR A 319 -6.63 23.24 5.36
N ARG A 320 -7.91 23.14 4.96
CA ARG A 320 -8.58 21.87 4.75
C ARG A 320 -8.56 21.52 3.26
N ILE A 321 -8.50 20.22 2.97
CA ILE A 321 -8.44 19.72 1.60
C ILE A 321 -9.46 18.60 1.47
N LYS A 322 -10.39 18.75 0.51
CA LYS A 322 -11.48 17.81 0.32
C LYS A 322 -10.94 16.56 -0.38
N ARG A 323 -11.49 15.40 -0.01
CA ARG A 323 -11.19 14.13 -0.65
C ARG A 323 -11.85 14.10 -2.03
N ASN A 324 -11.35 13.21 -2.91
CA ASN A 324 -12.01 12.92 -4.17
C ASN A 324 -13.04 11.82 -3.96
N LEU A 325 -14.12 11.87 -4.75
CA LEU A 325 -15.10 10.79 -4.79
C LEU A 325 -14.79 9.92 -6.01
N TYR A 326 -14.87 8.60 -5.82
CA TYR A 326 -14.67 7.63 -6.88
C TYR A 326 -15.93 6.77 -6.99
N ARG A 327 -16.23 6.32 -8.21
CA ARG A 327 -17.41 5.53 -8.50
C ARG A 327 -16.98 4.12 -8.88
N ARG A 328 -17.44 3.15 -8.08
CA ARG A 328 -16.96 1.77 -8.18
C ARG A 328 -18.15 0.83 -8.09
N GLY A 329 -17.87 -0.48 -8.16
CA GLY A 329 -18.91 -1.48 -8.38
C GLY A 329 -19.44 -1.42 -9.82
N VAL A 330 -20.76 -1.30 -9.96
CA VAL A 330 -21.39 -1.17 -11.26
C VAL A 330 -21.30 0.28 -11.75
N LEU A 331 -20.84 1.19 -10.88
CA LEU A 331 -20.68 2.59 -11.25
C LEU A 331 -19.39 2.79 -12.04
N SER A 332 -18.52 1.78 -12.05
CA SER A 332 -17.27 1.83 -12.79
C SER A 332 -17.50 1.44 -14.25
N ARG A 333 -18.51 0.60 -14.52
CA ARG A 333 -18.88 0.24 -15.88
C ARG A 333 -19.83 1.30 -16.45
N THR B 61 27.90 9.07 9.38
CA THR B 61 26.62 9.77 9.67
C THR B 61 25.59 8.83 10.29
N ARG B 62 25.88 7.52 10.31
CA ARG B 62 25.02 6.52 10.94
C ARG B 62 23.70 6.45 10.16
N SER B 63 23.80 6.46 8.83
CA SER B 63 22.63 6.47 7.95
C SER B 63 22.82 5.46 6.82
N ILE B 64 21.72 4.80 6.44
CA ILE B 64 21.72 3.82 5.36
C ILE B 64 20.78 4.32 4.26
N GLY B 65 21.13 4.05 3.00
CA GLY B 65 20.31 4.43 1.86
C GLY B 65 19.52 3.24 1.32
N LEU B 66 18.34 3.54 0.74
CA LEU B 66 17.53 2.53 0.08
C LEU B 66 16.96 3.12 -1.21
N VAL B 67 17.57 2.77 -2.35
CA VAL B 67 17.11 3.24 -3.65
C VAL B 67 16.19 2.18 -4.25
N ILE B 68 14.88 2.46 -4.23
CA ILE B 68 13.88 1.55 -4.75
C ILE B 68 13.13 2.26 -5.89
N PRO B 69 12.31 1.54 -6.69
CA PRO B 69 11.48 2.18 -7.71
C PRO B 69 10.56 3.28 -7.17
N ASP B 70 9.74 2.93 -6.17
CA ASP B 70 8.86 3.89 -5.53
C ASP B 70 8.30 3.29 -4.23
N LEU B 71 7.75 4.16 -3.37
CA LEU B 71 7.06 3.74 -2.17
C LEU B 71 5.57 3.54 -2.48
N GLU B 72 5.28 2.84 -3.59
CA GLU B 72 3.89 2.61 -3.98
C GLU B 72 3.62 1.12 -4.11
N ASN B 73 4.53 0.36 -4.74
CA ASN B 73 4.37 -1.09 -4.80
C ASN B 73 4.45 -1.62 -3.37
N THR B 74 3.45 -2.44 -3.00
CA THR B 74 3.22 -2.82 -1.62
C THR B 74 4.39 -3.64 -1.09
N SER B 75 5.02 -4.43 -1.97
CA SER B 75 6.14 -5.28 -1.58
C SER B 75 7.28 -4.43 -1.01
N TYR B 76 7.67 -3.38 -1.73
CA TYR B 76 8.80 -2.55 -1.34
C TYR B 76 8.44 -1.76 -0.08
N THR B 77 7.19 -1.30 0.02
CA THR B 77 6.76 -0.45 1.12
C THR B 77 6.69 -1.23 2.43
N ARG B 78 6.24 -2.48 2.38
CA ARG B 78 6.06 -3.26 3.60
C ARG B 78 7.42 -3.72 4.12
N ILE B 79 8.37 -4.00 3.20
CA ILE B 79 9.73 -4.30 3.60
C ILE B 79 10.32 -3.06 4.28
N ALA B 80 10.05 -1.88 3.68
CA ALA B 80 10.60 -0.62 4.16
C ALA B 80 10.07 -0.26 5.55
N ASN B 81 8.94 -0.87 5.95
CA ASN B 81 8.37 -0.68 7.27
C ASN B 81 9.23 -1.42 8.31
N TYR B 82 9.44 -2.72 8.08
CA TYR B 82 10.22 -3.55 8.99
C TYR B 82 11.70 -3.17 8.92
N LEU B 83 12.06 -2.30 7.97
CA LEU B 83 13.42 -1.82 7.82
C LEU B 83 13.60 -0.51 8.59
N GLU B 84 12.51 0.28 8.73
CA GLU B 84 12.52 1.46 9.57
C GLU B 84 12.57 1.05 11.04
N ARG B 85 11.71 0.09 11.41
CA ARG B 85 11.59 -0.38 12.79
C ARG B 85 12.89 -1.02 13.25
N GLN B 86 13.67 -1.58 12.32
CA GLN B 86 14.91 -2.27 12.66
C GLN B 86 16.12 -1.38 12.37
N ALA B 87 15.94 -0.28 11.64
CA ALA B 87 17.00 0.71 11.44
C ALA B 87 17.16 1.54 12.72
N ARG B 88 16.05 2.13 13.18
CA ARG B 88 16.03 2.93 14.40
C ARG B 88 16.27 2.03 15.62
N GLN B 89 16.04 0.72 15.45
CA GLN B 89 16.35 -0.25 16.50
C GLN B 89 17.85 -0.22 16.82
N ARG B 90 18.69 0.00 15.80
CA ARG B 90 20.13 -0.06 15.96
C ARG B 90 20.76 1.33 15.83
N GLY B 91 19.93 2.38 15.83
CA GLY B 91 20.42 3.75 15.85
C GLY B 91 20.58 4.36 14.47
N TYR B 92 20.51 3.54 13.42
CA TYR B 92 20.72 4.00 12.05
C TYR B 92 19.43 4.64 11.52
N GLN B 93 19.59 5.50 10.50
CA GLN B 93 18.49 6.15 9.80
C GLN B 93 18.37 5.50 8.42
N LEU B 94 17.17 5.61 7.82
CA LEU B 94 16.93 5.12 6.48
C LEU B 94 16.51 6.27 5.57
N LEU B 95 17.26 6.47 4.47
CA LEU B 95 17.02 7.53 3.51
C LEU B 95 16.47 6.92 2.21
N ILE B 96 15.14 7.00 2.04
CA ILE B 96 14.50 6.47 0.84
C ILE B 96 14.77 7.42 -0.32
N ALA B 97 15.22 6.85 -1.45
CA ALA B 97 15.43 7.58 -2.68
C ALA B 97 14.85 6.79 -3.84
N CYS B 98 13.77 7.32 -4.45
CA CYS B 98 13.03 6.61 -5.47
C CYS B 98 13.60 6.94 -6.85
N SER B 99 13.62 5.94 -7.74
CA SER B 99 14.12 6.09 -9.09
C SER B 99 12.98 6.15 -10.11
N GLU B 100 11.75 5.86 -9.66
CA GLU B 100 10.60 5.67 -10.55
C GLU B 100 10.94 4.63 -11.61
N ASP B 101 11.86 3.71 -11.26
CA ASP B 101 12.33 2.66 -12.14
C ASP B 101 12.96 3.28 -13.40
N GLN B 102 13.62 4.42 -13.24
CA GLN B 102 14.36 5.08 -14.30
C GLN B 102 15.85 4.96 -13.99
N PRO B 103 16.69 4.38 -14.89
CA PRO B 103 18.13 4.30 -14.65
C PRO B 103 18.83 5.65 -14.53
N ASP B 104 18.27 6.67 -15.21
CA ASP B 104 18.77 8.04 -15.15
C ASP B 104 18.57 8.60 -13.74
N ASN B 105 17.40 8.35 -13.14
CA ASN B 105 17.09 8.83 -11.80
C ASN B 105 17.90 8.06 -10.76
N GLU B 106 18.02 6.74 -10.94
CA GLU B 106 18.71 5.89 -9.98
C GLU B 106 20.18 6.28 -9.86
N MET B 107 20.82 6.52 -11.01
CA MET B 107 22.21 6.92 -11.03
C MET B 107 22.40 8.20 -10.21
N ARG B 108 21.48 9.15 -10.38
CA ARG B 108 21.54 10.41 -9.65
C ARG B 108 21.11 10.22 -8.19
N CYS B 109 20.12 9.35 -7.96
CA CYS B 109 19.68 9.02 -6.62
C CYS B 109 20.87 8.55 -5.78
N ILE B 110 21.64 7.61 -6.32
CA ILE B 110 22.83 7.09 -5.68
C ILE B 110 23.81 8.24 -5.41
N GLU B 111 24.00 9.10 -6.41
CA GLU B 111 25.00 10.16 -6.36
C GLU B 111 24.68 11.15 -5.24
N HIS B 112 23.39 11.44 -5.02
CA HIS B 112 22.98 12.39 -4.00
C HIS B 112 23.16 11.79 -2.60
N LEU B 113 23.15 10.44 -2.50
CA LEU B 113 23.30 9.76 -1.23
C LEU B 113 24.77 9.75 -0.80
N LEU B 114 25.68 9.54 -1.77
CA LEU B 114 27.11 9.60 -1.53
C LEU B 114 27.49 10.98 -1.01
N GLN B 115 26.82 12.01 -1.54
CA GLN B 115 27.04 13.40 -1.13
C GLN B 115 26.51 13.63 0.29
N ARG B 116 25.66 12.73 0.79
CA ARG B 116 25.15 12.83 2.15
C ARG B 116 25.87 11.86 3.08
N GLN B 117 27.04 11.37 2.66
CA GLN B 117 27.93 10.58 3.49
C GLN B 117 27.19 9.38 4.10
N VAL B 118 26.31 8.75 3.31
CA VAL B 118 25.64 7.53 3.75
C VAL B 118 26.71 6.45 3.90
N ASP B 119 26.55 5.60 4.92
CA ASP B 119 27.56 4.60 5.26
C ASP B 119 27.38 3.35 4.40
N ALA B 120 26.16 3.16 3.86
CA ALA B 120 25.82 1.99 3.06
C ALA B 120 24.54 2.27 2.26
N ILE B 121 24.40 1.59 1.11
CA ILE B 121 23.23 1.74 0.27
C ILE B 121 22.69 0.36 -0.11
N ILE B 122 21.44 0.07 0.27
CA ILE B 122 20.70 -1.07 -0.24
C ILE B 122 19.94 -0.60 -1.48
N VAL B 123 19.88 -1.44 -2.53
CA VAL B 123 19.38 -0.97 -3.82
C VAL B 123 18.72 -2.12 -4.59
N SER B 124 17.53 -1.83 -5.12
CA SER B 124 16.90 -2.63 -6.15
C SER B 124 17.13 -1.98 -7.51
N THR B 125 18.26 -2.35 -8.14
CA THR B 125 18.80 -1.62 -9.28
C THR B 125 17.91 -1.76 -10.51
N SER B 126 17.81 -0.67 -11.28
CA SER B 126 17.08 -0.63 -12.54
C SER B 126 18.02 -0.91 -13.72
N LEU B 127 19.34 -0.73 -13.50
CA LEU B 127 20.33 -0.95 -14.53
C LEU B 127 20.70 -2.43 -14.53
N PRO B 128 21.40 -2.94 -15.58
CA PRO B 128 21.92 -4.32 -15.57
C PRO B 128 22.80 -4.60 -14.34
N PRO B 129 22.76 -5.83 -13.77
CA PRO B 129 23.58 -6.18 -12.62
C PRO B 129 25.05 -5.84 -12.84
N GLU B 130 25.56 -6.22 -14.01
CA GLU B 130 26.91 -5.90 -14.45
C GLU B 130 26.83 -4.79 -15.49
N HIS B 131 27.27 -3.59 -15.09
CA HIS B 131 27.14 -2.38 -15.88
C HIS B 131 28.10 -1.33 -15.30
N PRO B 132 28.83 -0.57 -16.15
CA PRO B 132 29.96 0.26 -15.70
C PRO B 132 29.75 1.07 -14.41
N PHE B 133 28.51 1.52 -14.17
CA PHE B 133 28.23 2.37 -13.02
C PHE B 133 28.60 1.66 -11.72
N TYR B 134 28.00 0.49 -11.50
CA TYR B 134 28.08 -0.18 -10.20
C TYR B 134 29.43 -0.89 -10.04
N GLN B 135 30.14 -1.13 -11.15
CA GLN B 135 31.45 -1.75 -11.09
C GLN B 135 32.50 -0.73 -10.66
N ARG B 136 32.06 0.48 -10.29
CA ARG B 136 32.92 1.49 -9.71
C ARG B 136 33.24 1.12 -8.26
N TRP B 137 32.27 0.48 -7.58
CA TRP B 137 32.47 -0.01 -6.22
C TRP B 137 32.53 -1.53 -6.21
N ALA B 138 33.02 -2.12 -7.32
CA ALA B 138 33.16 -3.56 -7.44
C ALA B 138 34.19 -4.06 -6.44
N ASN B 139 35.32 -3.34 -6.37
CA ASN B 139 36.39 -3.63 -5.44
C ASN B 139 36.54 -2.43 -4.49
N ASP B 140 35.55 -2.27 -3.61
CA ASP B 140 35.51 -1.16 -2.66
C ASP B 140 34.95 -1.66 -1.34
N PRO B 141 35.50 -1.23 -0.16
CA PRO B 141 34.91 -1.56 1.13
C PRO B 141 33.57 -0.89 1.40
N PHE B 142 33.23 0.11 0.58
CA PHE B 142 31.89 0.69 0.57
C PHE B 142 30.87 -0.39 0.22
N PRO B 143 29.94 -0.76 1.14
CA PRO B 143 28.98 -1.83 0.87
C PRO B 143 27.75 -1.39 0.08
N ILE B 144 27.42 -2.14 -0.98
CA ILE B 144 26.17 -1.99 -1.69
C ILE B 144 25.47 -3.35 -1.74
N VAL B 145 24.37 -3.46 -0.99
CA VAL B 145 23.58 -4.69 -0.90
C VAL B 145 22.39 -4.55 -1.86
N ALA B 146 22.13 -5.61 -2.62
CA ALA B 146 21.02 -5.61 -3.58
C ALA B 146 19.80 -6.26 -2.96
N LEU B 147 18.62 -5.81 -3.38
CA LEU B 147 17.36 -6.42 -2.88
C LEU B 147 16.49 -6.76 -4.07
N ASP B 148 15.94 -7.97 -4.11
CA ASP B 148 14.98 -8.36 -5.18
C ASP B 148 15.66 -8.40 -6.55
N ARG B 149 16.44 -7.38 -6.90
CA ARG B 149 17.19 -7.39 -8.20
C ARG B 149 18.67 -7.59 -7.91
N ALA B 150 19.27 -8.69 -8.39
CA ALA B 150 20.64 -9.02 -8.05
C ALA B 150 21.62 -8.05 -8.72
N LEU B 151 22.79 -7.88 -8.11
CA LEU B 151 23.94 -7.24 -8.73
C LEU B 151 24.96 -8.30 -9.12
N ASP B 152 26.09 -7.86 -9.68
CA ASP B 152 27.20 -8.75 -10.01
C ASP B 152 27.43 -9.72 -8.85
N ARG B 153 27.45 -11.02 -9.17
CA ARG B 153 27.45 -12.08 -8.16
C ARG B 153 28.83 -12.21 -7.51
N GLU B 154 29.87 -11.80 -8.25
CA GLU B 154 31.25 -11.99 -7.80
C GLU B 154 31.69 -10.85 -6.89
N HIS B 155 30.96 -9.73 -6.89
CA HIS B 155 31.42 -8.52 -6.22
C HIS B 155 30.42 -8.00 -5.18
N PHE B 156 29.14 -8.41 -5.26
CA PHE B 156 28.12 -7.85 -4.39
C PHE B 156 27.25 -8.96 -3.81
N THR B 157 26.83 -8.78 -2.55
CA THR B 157 25.88 -9.67 -1.88
C THR B 157 24.46 -9.19 -2.17
N SER B 158 23.62 -10.09 -2.70
CA SER B 158 22.26 -9.76 -3.07
C SER B 158 21.29 -10.67 -2.31
N VAL B 159 20.25 -10.08 -1.70
CA VAL B 159 19.14 -10.82 -1.14
C VAL B 159 17.99 -10.78 -2.15
N VAL B 160 17.67 -11.95 -2.70
CA VAL B 160 16.70 -12.07 -3.78
C VAL B 160 15.63 -13.08 -3.38
N GLY B 161 14.68 -13.33 -4.29
CA GLY B 161 13.59 -14.26 -4.06
C GLY B 161 13.88 -15.61 -4.70
N ALA B 162 13.13 -16.64 -4.27
CA ALA B 162 13.32 -18.00 -4.73
C ALA B 162 12.24 -18.36 -5.74
N ASP B 163 12.15 -17.58 -6.82
CA ASP B 163 11.02 -17.61 -7.72
C ASP B 163 10.76 -19.02 -8.24
N GLN B 164 11.84 -19.77 -8.50
CA GLN B 164 11.72 -21.08 -9.13
C GLN B 164 11.02 -22.05 -8.18
N ASP B 165 11.54 -22.19 -6.95
CA ASP B 165 10.95 -23.05 -5.95
C ASP B 165 9.53 -22.59 -5.63
N ASP B 166 9.33 -21.26 -5.55
CA ASP B 166 8.06 -20.67 -5.18
C ASP B 166 6.99 -21.02 -6.22
N ALA B 167 7.35 -20.85 -7.49
CA ALA B 167 6.46 -21.19 -8.59
C ALA B 167 6.08 -22.66 -8.52
N GLU B 168 7.07 -23.53 -8.23
CA GLU B 168 6.88 -24.97 -8.17
C GLU B 168 5.87 -25.32 -7.08
N MET B 169 6.08 -24.77 -5.87
CA MET B 169 5.20 -25.03 -4.74
C MET B 169 3.76 -24.64 -5.10
N LEU B 170 3.59 -23.46 -5.70
CA LEU B 170 2.28 -22.96 -6.09
C LEU B 170 1.66 -23.89 -7.13
N ALA B 171 2.46 -24.31 -8.11
CA ALA B 171 1.99 -25.14 -9.21
C ALA B 171 1.56 -26.52 -8.72
N GLU B 172 2.36 -27.10 -7.80
CA GLU B 172 2.09 -28.42 -7.24
C GLU B 172 0.71 -28.44 -6.60
N GLU B 173 0.36 -27.34 -5.92
CA GLU B 173 -0.88 -27.24 -5.18
C GLU B 173 -2.06 -27.05 -6.12
N LEU B 174 -1.83 -26.36 -7.26
CA LEU B 174 -2.87 -26.10 -8.23
C LEU B 174 -3.21 -27.38 -9.01
N ARG B 175 -2.24 -28.29 -9.12
CA ARG B 175 -2.36 -29.47 -9.94
C ARG B 175 -3.40 -30.42 -9.35
N LYS B 176 -3.56 -30.38 -8.02
CA LYS B 176 -4.47 -31.27 -7.31
C LYS B 176 -5.92 -31.01 -7.71
N PHE B 177 -6.19 -29.80 -8.21
CA PHE B 177 -7.54 -29.40 -8.55
C PHE B 177 -7.94 -30.03 -9.88
N PRO B 178 -9.17 -30.61 -9.97
CA PRO B 178 -9.55 -31.46 -11.08
C PRO B 178 -10.08 -30.68 -12.29
N ALA B 179 -9.20 -29.88 -12.89
CA ALA B 179 -9.52 -29.15 -14.11
C ALA B 179 -9.18 -30.00 -15.32
N GLU B 180 -9.77 -29.64 -16.48
CA GLU B 180 -9.35 -30.19 -17.76
C GLU B 180 -8.55 -29.13 -18.50
N THR B 181 -9.17 -27.96 -18.73
CA THR B 181 -8.50 -26.84 -19.36
C THR B 181 -7.69 -26.09 -18.29
N VAL B 182 -6.36 -26.10 -18.47
CA VAL B 182 -5.43 -25.44 -17.56
C VAL B 182 -4.65 -24.40 -18.36
N LEU B 183 -4.70 -23.14 -17.91
CA LEU B 183 -4.07 -22.03 -18.61
C LEU B 183 -2.96 -21.43 -17.74
N TYR B 184 -1.84 -21.08 -18.38
CA TYR B 184 -0.73 -20.39 -17.73
C TYR B 184 -0.58 -19.02 -18.39
N LEU B 185 -0.87 -17.95 -17.64
CA LEU B 185 -0.75 -16.60 -18.15
C LEU B 185 0.43 -15.90 -17.49
N GLY B 186 1.42 -15.53 -18.30
CA GLY B 186 2.58 -14.80 -17.83
C GLY B 186 2.86 -13.60 -18.72
N ALA B 187 4.11 -13.12 -18.68
CA ALA B 187 4.53 -12.01 -19.52
C ALA B 187 6.05 -12.01 -19.67
N LEU B 188 6.52 -11.43 -20.79
CA LEU B 188 7.94 -11.18 -21.03
C LEU B 188 8.74 -12.45 -20.73
N PRO B 189 8.51 -13.55 -21.47
CA PRO B 189 9.15 -14.83 -21.19
C PRO B 189 10.68 -14.82 -21.26
N GLU B 190 11.23 -13.84 -22.00
CA GLU B 190 12.66 -13.73 -22.20
C GLU B 190 13.35 -13.27 -20.91
N LEU B 191 12.60 -12.62 -20.01
CA LEU B 191 13.16 -12.10 -18.76
C LEU B 191 13.42 -13.24 -17.78
N SER B 192 14.07 -12.91 -16.66
CA SER B 192 14.56 -13.88 -15.70
C SER B 192 13.42 -14.37 -14.81
N VAL B 193 12.73 -13.43 -14.15
CA VAL B 193 11.65 -13.78 -13.25
C VAL B 193 10.60 -14.58 -14.03
N SER B 194 10.36 -14.19 -15.28
CA SER B 194 9.38 -14.83 -16.13
C SER B 194 9.75 -16.30 -16.35
N PHE B 195 11.02 -16.54 -16.70
CA PHE B 195 11.47 -17.88 -17.09
C PHE B 195 11.65 -18.77 -15.85
N LEU B 196 12.23 -18.21 -14.79
CA LEU B 196 12.41 -18.92 -13.54
C LEU B 196 11.06 -19.50 -13.07
N ARG B 197 9.99 -18.72 -13.23
CA ARG B 197 8.67 -19.11 -12.75
C ARG B 197 8.06 -20.15 -13.68
N GLU B 198 8.44 -20.13 -14.97
CA GLU B 198 7.94 -21.13 -15.91
C GLU B 198 8.55 -22.48 -15.58
N GLN B 199 9.86 -22.51 -15.27
CA GLN B 199 10.56 -23.74 -14.95
C GLN B 199 9.92 -24.38 -13.73
N GLY B 200 9.68 -23.57 -12.69
CA GLY B 200 9.05 -24.02 -11.46
C GLY B 200 7.71 -24.72 -11.73
N PHE B 201 6.91 -24.12 -12.62
CA PHE B 201 5.63 -24.68 -13.00
C PHE B 201 5.82 -26.03 -13.66
N ARG B 202 6.71 -26.07 -14.67
CA ARG B 202 6.92 -27.26 -15.47
C ARG B 202 7.44 -28.41 -14.61
N THR B 203 8.30 -28.08 -13.63
CA THR B 203 8.86 -29.06 -12.72
C THR B 203 7.74 -29.88 -12.07
N ALA B 204 6.67 -29.19 -11.66
CA ALA B 204 5.58 -29.81 -10.90
C ALA B 204 4.54 -30.43 -11.83
N TRP B 205 4.51 -30.00 -13.10
CA TRP B 205 3.57 -30.52 -14.08
C TRP B 205 4.27 -31.38 -15.13
N LYS B 206 5.47 -31.88 -14.81
CA LYS B 206 6.35 -32.44 -15.83
C LYS B 206 5.76 -33.74 -16.37
N ASP B 207 5.30 -34.62 -15.47
CA ASP B 207 4.79 -35.92 -15.87
C ASP B 207 3.27 -35.97 -15.69
N ASP B 208 2.63 -34.80 -15.55
CA ASP B 208 1.17 -34.70 -15.51
C ASP B 208 0.64 -34.85 -16.94
N PRO B 209 -0.38 -35.70 -17.19
CA PRO B 209 -0.86 -35.95 -18.54
C PRO B 209 -1.62 -34.80 -19.23
N ARG B 210 -2.08 -33.82 -18.45
CA ARG B 210 -2.87 -32.72 -19.00
C ARG B 210 -1.98 -31.77 -19.79
N GLU B 211 -2.51 -31.25 -20.90
CA GLU B 211 -1.84 -30.26 -21.71
C GLU B 211 -2.11 -28.87 -21.14
N VAL B 212 -1.03 -28.13 -20.84
CA VAL B 212 -1.16 -26.78 -20.30
C VAL B 212 -0.89 -25.79 -21.44
N HIS B 213 -1.87 -24.93 -21.72
CA HIS B 213 -1.72 -23.89 -22.72
C HIS B 213 -1.05 -22.69 -22.06
N PHE B 214 0.11 -22.28 -22.59
CA PHE B 214 0.83 -21.12 -22.07
C PHE B 214 0.49 -19.92 -22.94
N LEU B 215 0.32 -18.76 -22.28
CA LEU B 215 -0.10 -17.53 -22.94
C LEU B 215 0.69 -16.36 -22.36
N TYR B 216 1.38 -15.62 -23.23
CA TYR B 216 2.36 -14.63 -22.80
C TYR B 216 1.97 -13.25 -23.29
N ALA B 217 1.91 -12.29 -22.36
CA ALA B 217 1.55 -10.91 -22.67
C ALA B 217 2.82 -10.08 -22.91
N ASN B 218 2.60 -8.87 -23.45
CA ASN B 218 3.69 -7.98 -23.85
C ASN B 218 4.19 -7.20 -22.64
N SER B 219 3.47 -7.28 -21.51
CA SER B 219 3.90 -6.66 -20.27
C SER B 219 3.10 -7.23 -19.10
N TYR B 220 3.60 -6.99 -17.88
CA TYR B 220 2.91 -7.37 -16.66
C TYR B 220 1.87 -6.30 -16.32
N GLU B 221 0.85 -6.17 -17.18
CA GLU B 221 -0.22 -5.20 -17.00
C GLU B 221 -1.55 -5.95 -17.06
N ARG B 222 -2.61 -5.32 -16.53
CA ARG B 222 -3.93 -5.90 -16.53
C ARG B 222 -4.65 -5.56 -17.83
N GLU B 223 -4.35 -4.38 -18.39
CA GLU B 223 -4.93 -3.97 -19.67
C GLU B 223 -4.57 -4.99 -20.74
N ALA B 224 -3.27 -5.32 -20.82
CA ALA B 224 -2.77 -6.28 -21.79
C ALA B 224 -3.39 -7.65 -21.55
N ALA B 225 -3.43 -8.07 -20.29
CA ALA B 225 -3.97 -9.37 -19.91
C ALA B 225 -5.42 -9.50 -20.36
N ALA B 226 -6.18 -8.39 -20.29
CA ALA B 226 -7.58 -8.39 -20.69
C ALA B 226 -7.69 -8.76 -22.17
N GLN B 227 -6.97 -8.01 -23.02
CA GLN B 227 -6.98 -8.20 -24.46
C GLN B 227 -6.61 -9.65 -24.80
N LEU B 228 -5.43 -10.06 -24.33
CA LEU B 228 -4.84 -11.32 -24.72
C LEU B 228 -5.71 -12.49 -24.24
N PHE B 229 -6.40 -12.32 -23.10
CA PHE B 229 -7.29 -13.35 -22.58
C PHE B 229 -8.61 -13.31 -23.34
N GLU B 230 -9.08 -12.10 -23.68
CA GLU B 230 -10.33 -11.92 -24.40
C GLU B 230 -10.22 -12.55 -25.78
N LYS B 231 -9.07 -12.35 -26.45
CA LYS B 231 -8.80 -12.97 -27.74
C LYS B 231 -8.71 -14.48 -27.57
N TRP B 232 -7.95 -14.95 -26.59
CA TRP B 232 -7.69 -16.37 -26.40
C TRP B 232 -9.00 -17.15 -26.33
N LEU B 233 -10.00 -16.60 -25.62
CA LEU B 233 -11.26 -17.28 -25.38
C LEU B 233 -12.09 -17.42 -26.65
N GLU B 234 -11.73 -16.70 -27.72
CA GLU B 234 -12.41 -16.82 -28.99
C GLU B 234 -12.16 -18.20 -29.58
N THR B 235 -10.91 -18.67 -29.50
CA THR B 235 -10.50 -19.92 -30.12
C THR B 235 -10.21 -20.99 -29.06
N HIS B 236 -10.51 -20.69 -27.79
CA HIS B 236 -10.32 -21.63 -26.69
C HIS B 236 -11.46 -21.48 -25.68
N PRO B 237 -11.69 -22.49 -24.80
CA PRO B 237 -12.74 -22.42 -23.79
C PRO B 237 -12.26 -21.80 -22.48
N MET B 238 -13.21 -21.43 -21.62
CA MET B 238 -12.91 -20.83 -20.33
C MET B 238 -12.20 -21.85 -19.45
N PRO B 239 -10.99 -21.53 -18.92
CA PRO B 239 -10.21 -22.53 -18.19
C PRO B 239 -10.84 -22.90 -16.84
N GLN B 240 -10.32 -23.97 -16.24
CA GLN B 240 -10.80 -24.45 -14.95
C GLN B 240 -9.67 -24.38 -13.92
N ALA B 241 -8.43 -24.26 -14.40
CA ALA B 241 -7.29 -23.91 -13.56
C ALA B 241 -6.54 -22.75 -14.19
N LEU B 242 -6.07 -21.81 -13.37
CA LEU B 242 -5.40 -20.62 -13.87
C LEU B 242 -4.16 -20.34 -13.02
N PHE B 243 -3.03 -20.12 -13.70
CA PHE B 243 -1.77 -19.81 -13.07
C PHE B 243 -1.27 -18.47 -13.64
N THR B 244 -1.37 -17.41 -12.83
CA THR B 244 -0.92 -16.09 -13.24
C THR B 244 0.35 -15.73 -12.47
N THR B 245 1.33 -15.15 -13.17
CA THR B 245 2.64 -14.90 -12.59
C THR B 245 2.70 -13.54 -11.91
N SER B 246 1.65 -12.71 -12.10
CA SER B 246 1.53 -11.45 -11.41
C SER B 246 0.09 -11.31 -10.91
N PHE B 247 -0.10 -10.45 -9.88
CA PHE B 247 -1.44 -10.12 -9.43
C PHE B 247 -2.11 -9.24 -10.47
N ALA B 248 -1.33 -8.34 -11.07
CA ALA B 248 -1.80 -7.44 -12.11
C ALA B 248 -2.35 -8.23 -13.30
N LEU B 249 -1.69 -9.35 -13.64
CA LEU B 249 -2.16 -10.22 -14.70
C LEU B 249 -3.54 -10.78 -14.38
N LEU B 250 -3.74 -11.18 -13.11
CA LEU B 250 -4.98 -11.82 -12.70
C LEU B 250 -6.14 -10.81 -12.80
N GLN B 251 -5.87 -9.54 -12.48
CA GLN B 251 -6.91 -8.53 -12.51
C GLN B 251 -7.54 -8.47 -13.90
N GLY B 252 -6.69 -8.36 -14.92
CA GLY B 252 -7.14 -8.34 -16.31
C GLY B 252 -8.11 -9.49 -16.60
N VAL B 253 -7.74 -10.70 -16.16
CA VAL B 253 -8.53 -11.89 -16.38
C VAL B 253 -9.91 -11.73 -15.75
N MET B 254 -9.93 -11.19 -14.53
CA MET B 254 -11.18 -11.04 -13.78
C MET B 254 -12.06 -10.00 -14.47
N ASP B 255 -11.45 -8.92 -14.98
CA ASP B 255 -12.20 -7.87 -15.66
C ASP B 255 -13.07 -8.49 -16.75
N VAL B 256 -12.46 -9.36 -17.57
CA VAL B 256 -13.15 -9.96 -18.70
C VAL B 256 -14.19 -10.96 -18.19
N THR B 257 -13.84 -11.72 -17.15
CA THR B 257 -14.77 -12.71 -16.60
C THR B 257 -16.02 -12.01 -16.09
N LEU B 258 -15.83 -10.82 -15.51
CA LEU B 258 -16.94 -10.06 -14.94
C LEU B 258 -17.91 -9.63 -16.03
N ARG B 259 -17.37 -9.23 -17.19
CA ARG B 259 -18.18 -8.79 -18.32
C ARG B 259 -18.85 -9.99 -18.99
N ARG B 260 -18.10 -11.10 -19.10
CA ARG B 260 -18.57 -12.29 -19.79
C ARG B 260 -19.62 -12.99 -18.93
N ASP B 261 -19.29 -13.28 -17.67
CA ASP B 261 -20.15 -14.08 -16.81
C ASP B 261 -21.16 -13.20 -16.08
N GLY B 262 -20.90 -11.88 -15.99
CA GLY B 262 -21.74 -10.98 -15.22
C GLY B 262 -21.41 -11.05 -13.73
N LYS B 263 -20.55 -12.00 -13.35
CA LYS B 263 -20.19 -12.27 -11.97
C LYS B 263 -18.80 -12.91 -11.95
N LEU B 264 -18.01 -12.61 -10.92
CA LEU B 264 -16.70 -13.22 -10.75
C LEU B 264 -16.87 -14.72 -10.52
N PRO B 265 -15.87 -15.55 -10.90
CA PRO B 265 -16.03 -17.01 -10.91
C PRO B 265 -16.22 -17.64 -9.53
N SER B 266 -16.85 -18.83 -9.53
CA SER B 266 -17.07 -19.59 -8.32
C SER B 266 -16.57 -21.03 -8.48
N ASP B 267 -16.39 -21.49 -9.73
CA ASP B 267 -15.84 -22.80 -10.01
C ASP B 267 -14.58 -22.63 -10.86
N LEU B 268 -13.50 -22.17 -10.23
CA LEU B 268 -12.23 -21.96 -10.91
C LEU B 268 -11.11 -21.95 -9.87
N ALA B 269 -10.11 -22.81 -10.08
CA ALA B 269 -8.93 -22.85 -9.25
C ALA B 269 -7.95 -21.78 -9.73
N ILE B 270 -7.82 -20.69 -8.97
CA ILE B 270 -6.90 -19.61 -9.30
C ILE B 270 -5.61 -19.82 -8.50
N ALA B 271 -4.48 -19.63 -9.17
CA ALA B 271 -3.17 -19.61 -8.53
C ALA B 271 -2.41 -18.41 -9.06
N THR B 272 -1.81 -17.62 -8.16
CA THR B 272 -1.18 -16.38 -8.57
C THR B 272 -0.01 -16.00 -7.67
N PHE B 273 0.99 -15.36 -8.26
CA PHE B 273 1.99 -14.61 -7.50
C PHE B 273 1.34 -13.29 -7.06
N GLY B 274 1.85 -12.75 -5.94
CA GLY B 274 1.25 -11.58 -5.32
C GLY B 274 -0.07 -11.93 -4.63
N ASP B 275 -0.36 -11.24 -3.52
CA ASP B 275 -1.49 -11.61 -2.67
C ASP B 275 -2.14 -10.37 -2.10
N ASN B 276 -3.47 -10.32 -2.19
CA ASN B 276 -4.29 -9.35 -1.49
C ASN B 276 -5.29 -10.12 -0.63
N GLU B 277 -5.62 -9.58 0.54
CA GLU B 277 -6.47 -10.30 1.49
C GLU B 277 -7.93 -10.25 1.03
N LEU B 278 -8.25 -9.32 0.12
CA LEU B 278 -9.61 -9.18 -0.39
C LEU B 278 -9.98 -10.37 -1.28
N LEU B 279 -8.99 -11.22 -1.62
CA LEU B 279 -9.23 -12.43 -2.39
C LEU B 279 -9.99 -13.46 -1.56
N ASP B 280 -10.11 -13.22 -0.25
CA ASP B 280 -10.90 -14.08 0.62
C ASP B 280 -12.39 -13.99 0.30
N PHE B 281 -12.80 -12.92 -0.41
CA PHE B 281 -14.21 -12.69 -0.70
C PHE B 281 -14.65 -13.46 -1.94
N LEU B 282 -13.69 -13.95 -2.73
CA LEU B 282 -14.01 -14.80 -3.88
C LEU B 282 -14.69 -16.08 -3.38
N GLN B 283 -15.62 -16.62 -4.19
CA GLN B 283 -16.28 -17.87 -3.89
C GLN B 283 -15.72 -18.98 -4.77
N CYS B 284 -14.40 -18.94 -5.01
CA CYS B 284 -13.70 -20.02 -5.66
C CYS B 284 -12.37 -20.27 -4.92
N PRO B 285 -11.73 -21.45 -5.09
CA PRO B 285 -10.39 -21.68 -4.54
C PRO B 285 -9.35 -20.73 -5.12
N VAL B 286 -8.54 -20.14 -4.24
CA VAL B 286 -7.49 -19.21 -4.64
C VAL B 286 -6.21 -19.55 -3.89
N LEU B 287 -5.11 -19.68 -4.63
CA LEU B 287 -3.78 -19.93 -4.08
C LEU B 287 -2.89 -18.76 -4.44
N ALA B 288 -2.17 -18.22 -3.45
CA ALA B 288 -1.37 -17.03 -3.67
C ALA B 288 -0.13 -17.04 -2.78
N VAL B 289 0.97 -16.49 -3.31
CA VAL B 289 2.24 -16.47 -2.61
C VAL B 289 2.68 -15.01 -2.43
N ALA B 290 3.29 -14.74 -1.28
CA ALA B 290 3.80 -13.41 -0.95
C ALA B 290 5.13 -13.54 -0.23
N GLN B 291 5.93 -12.46 -0.29
CA GLN B 291 7.24 -12.43 0.32
C GLN B 291 7.09 -12.49 1.84
N ARG B 292 8.13 -12.99 2.52
CA ARG B 292 8.22 -12.87 3.97
C ARG B 292 8.80 -11.50 4.29
N HIS B 293 7.93 -10.49 4.32
CA HIS B 293 8.33 -9.10 4.22
C HIS B 293 9.30 -8.73 5.33
N ARG B 294 9.08 -9.26 6.55
CA ARG B 294 9.99 -8.98 7.64
C ARG B 294 11.32 -9.70 7.41
N ASP B 295 11.25 -11.01 7.16
CA ASP B 295 12.43 -11.84 7.02
C ASP B 295 13.37 -11.28 5.95
N VAL B 296 12.79 -10.77 4.86
CA VAL B 296 13.57 -10.16 3.78
C VAL B 296 14.36 -8.99 4.36
N ALA B 297 13.71 -8.17 5.18
CA ALA B 297 14.30 -6.94 5.70
C ALA B 297 15.42 -7.25 6.71
N GLU B 298 15.31 -8.38 7.42
CA GLU B 298 16.30 -8.73 8.43
C GLU B 298 17.65 -8.95 7.77
N ARG B 299 17.68 -9.71 6.68
CA ARG B 299 18.92 -10.15 6.07
C ARG B 299 19.59 -9.01 5.29
N VAL B 300 18.81 -8.12 4.67
CA VAL B 300 19.40 -7.02 3.90
C VAL B 300 20.23 -6.13 4.85
N LEU B 301 19.74 -5.92 6.07
CA LEU B 301 20.41 -5.07 7.03
C LEU B 301 21.52 -5.83 7.74
N GLU B 302 21.29 -7.12 8.04
CA GLU B 302 22.29 -7.95 8.70
C GLU B 302 23.52 -8.12 7.82
N ILE B 303 23.39 -7.83 6.52
CA ILE B 303 24.51 -7.82 5.59
C ILE B 303 25.14 -6.42 5.56
N VAL B 304 24.32 -5.38 5.72
CA VAL B 304 24.80 -4.01 5.78
C VAL B 304 25.69 -3.82 7.02
N LEU B 305 25.20 -4.26 8.18
CA LEU B 305 25.89 -4.02 9.45
C LEU B 305 26.96 -5.08 9.71
N ALA B 306 27.05 -6.09 8.83
CA ALA B 306 28.21 -6.97 8.83
C ALA B 306 29.38 -6.28 8.14
N SER B 307 29.09 -5.58 7.04
CA SER B 307 30.11 -4.91 6.24
C SER B 307 30.70 -3.71 6.99
N LEU B 308 29.85 -3.01 7.75
CA LEU B 308 30.29 -1.87 8.54
C LEU B 308 31.11 -2.36 9.74
N ASP B 309 30.47 -3.15 10.61
CA ASP B 309 30.94 -3.36 11.96
C ASP B 309 31.65 -4.71 12.11
N GLU B 310 32.36 -5.15 11.07
CA GLU B 310 33.19 -6.36 11.15
C GLU B 310 34.34 -6.26 10.16
N PRO B 311 35.49 -6.93 10.44
CA PRO B 311 36.62 -6.98 9.50
C PRO B 311 36.34 -7.79 8.24
N ARG B 312 35.91 -9.05 8.40
CA ARG B 312 35.55 -9.89 7.28
C ARG B 312 34.21 -9.44 6.71
N LYS B 313 34.25 -8.88 5.49
CA LYS B 313 33.04 -8.53 4.75
C LYS B 313 32.32 -9.82 4.33
N PRO B 314 30.98 -9.79 4.15
CA PRO B 314 30.24 -10.99 3.75
C PRO B 314 30.60 -11.44 2.34
N LYS B 315 30.52 -12.75 2.10
CA LYS B 315 30.96 -13.34 0.85
C LYS B 315 29.94 -12.99 -0.24
N PRO B 316 30.38 -12.51 -1.42
CA PRO B 316 29.46 -12.08 -2.48
C PRO B 316 28.58 -13.22 -2.99
N GLY B 317 27.56 -12.86 -3.77
CA GLY B 317 26.68 -13.83 -4.39
C GLY B 317 25.21 -13.58 -4.05
N LEU B 318 24.39 -14.64 -4.19
CA LEU B 318 22.96 -14.55 -4.01
C LEU B 318 22.55 -15.32 -2.76
N THR B 319 21.46 -14.89 -2.14
CA THR B 319 20.80 -15.60 -1.05
C THR B 319 19.30 -15.39 -1.20
N ARG B 320 18.53 -16.47 -0.98
CA ARG B 320 17.14 -16.52 -1.41
C ARG B 320 16.23 -16.80 -0.22
N ILE B 321 15.10 -16.09 -0.16
CA ILE B 321 14.04 -16.38 0.79
C ILE B 321 12.81 -16.80 0.01
N LYS B 322 12.22 -17.94 0.40
CA LYS B 322 11.00 -18.43 -0.21
C LYS B 322 9.83 -17.54 0.17
N ARG B 323 8.82 -17.50 -0.72
CA ARG B 323 7.56 -16.87 -0.42
C ARG B 323 6.74 -17.79 0.49
N ASN B 324 5.72 -17.20 1.15
CA ASN B 324 4.72 -17.95 1.87
C ASN B 324 3.53 -18.22 0.95
N LEU B 325 2.81 -19.31 1.21
CA LEU B 325 1.59 -19.64 0.50
C LEU B 325 0.39 -19.25 1.35
N TYR B 326 -0.66 -18.74 0.71
CA TYR B 326 -1.88 -18.36 1.39
C TYR B 326 -3.07 -19.03 0.69
N ARG B 327 -4.01 -19.51 1.51
CA ARG B 327 -5.27 -20.05 1.02
C ARG B 327 -6.34 -18.98 1.15
N ARG B 328 -6.74 -18.41 0.01
CA ARG B 328 -7.78 -17.39 -0.05
C ARG B 328 -9.04 -18.01 -0.67
N GLY B 329 -10.08 -17.19 -0.82
CA GLY B 329 -11.35 -17.62 -1.39
C GLY B 329 -12.08 -18.57 -0.45
N VAL B 330 -12.52 -19.71 -0.99
CA VAL B 330 -13.30 -20.69 -0.23
C VAL B 330 -12.37 -21.49 0.67
N LEU B 331 -11.07 -21.48 0.34
CA LEU B 331 -10.07 -22.23 1.10
C LEU B 331 -9.75 -21.56 2.43
N SER B 332 -10.35 -20.39 2.69
CA SER B 332 -10.27 -19.75 4.00
C SER B 332 -11.53 -20.04 4.81
N ARG B 333 -12.30 -21.07 4.41
CA ARG B 333 -13.50 -21.48 5.11
C ARG B 333 -14.08 -22.75 4.45
C10 I4Y C . -7.98 8.45 5.61
C13 I4Y C . -9.40 6.20 4.86
C15 I4Y C . -9.25 7.58 9.25
C17 I4Y C . -8.91 6.25 9.49
C20 I4Y C . -10.25 6.29 11.50
C21 I4Y C . -7.65 5.47 2.29
C08 I4Y C . -7.94 8.01 4.30
C09 I4Y C . -8.73 7.77 6.58
C11 I4Y C . -8.64 6.89 3.92
C12 I4Y C . -9.44 6.63 6.19
C14 I4Y C . -8.71 8.34 8.01
C16 I4Y C . -10.07 8.26 10.14
C18 I4Y C . -10.57 7.62 11.26
C19 I4Y C . -9.42 5.61 10.62
O02 I4Y C . -8.57 6.49 2.57
O03 I4Y C . -10.23 5.90 7.08
O04 I4Y C . -7.97 9.56 2.10
O05 I4Y C . -8.26 9.41 8.20
O06 I4Y C . -6.08 7.94 2.27
O07 I4Y C . -6.02 9.84 3.64
S01 I4Y C . -6.99 8.86 3.03
P PO4 D . -17.47 -18.91 8.29
O1 PO4 D . -16.14 -18.43 8.86
O2 PO4 D . -17.45 -18.79 6.77
O3 PO4 D . -17.69 -20.37 8.69
O4 PO4 D . -18.61 -18.06 8.85
N1 EPE E . -15.37 -9.53 -5.23
C2 EPE E . -15.06 -8.14 -4.91
C3 EPE E . -13.58 -7.86 -5.15
N4 EPE E . -12.70 -8.79 -4.43
C5 EPE E . -13.12 -10.18 -4.63
C6 EPE E . -14.58 -10.37 -4.34
C7 EPE E . -11.31 -8.62 -4.86
C8 EPE E . -11.02 -8.76 -6.35
O8 EPE E . -10.00 -9.70 -6.62
C9 EPE E . -16.80 -9.81 -5.17
C10 EPE E . -17.09 -11.31 -5.26
S EPE E . -18.58 -11.60 -6.17
O1S EPE E . -18.42 -10.97 -7.45
O2S EPE E . -18.55 -13.09 -6.35
O3S EPE E . -19.67 -11.20 -5.31
C1 EDO F . 4.83 -10.74 -3.62
O1 EDO F . 5.30 -9.91 -4.66
C2 EDO F . 4.39 -9.97 -2.42
O2 EDO F . 3.61 -8.83 -2.70
#